data_6TIL
#
_entry.id   6TIL
#
_cell.length_a   95.628
_cell.length_b   63.183
_cell.length_c   87.318
_cell.angle_alpha   90.000
_cell.angle_beta   90.000
_cell.angle_gamma   90.000
#
_symmetry.space_group_name_H-M   'P 21 21 2'
#
loop_
_entity.id
_entity.type
_entity.pdbx_description
1 polymer 'Ferulic acid decarboxylase 1'
2 non-polymer 'MANGANESE (II) ION'
3 non-polymer 'POTASSIUM ION'
4 non-polymer 'FLAVIN MONONUCLEOTIDE'
5 non-polymer 'naphthalene-2-carboxylic acid'
6 water water
#
_entity_poly.entity_id   1
_entity_poly.type   'polypeptide(L)'
_entity_poly.pdbx_seq_one_letter_code
;MSAQPAHLCFRSFVEALKVDNDLVEINTPIDPNLEAAAITRRVCETNDKAPLFNNLIGMKNGLFRILGAPGSLRKSSADR
YGRLARHLALPPTASMREILDKMLSASDMPPIPPTIVPTGPCKENSLDDSEFDLTELPVPLIHKSDGGKYIQTYGMHIVQ
SPDGTWTNWSIARAMVHDKNHLTGLVIPPQHIWQIHQMWKKEGRSDVPWALAFGVPPAAIMASSMPIPDGVTEAGYVGAM
TGSSLELVKCDTNDLYVPATSEIVLEGTLSISETGPEGPFGEMHGYIFPGDTHLGAKYKVNRITYRNNAIMPMSSCGRLT
DETHTMIGSLAAAEIRKLCQQNDLPITDAFAPFESQVTWVALRVDTEKLRAMKTTSEGFRKRVGDVVFNHKAGYTIHRLV
LVGDDIDVYEGKDVLWAFSTRCRPGMDETLFEDVRGFPLIPYMGHGNGPAHRGGKVVSDALMPTEYTTGRNWEAADFNQS
YPEDLKQKVLDNWTKMGFSNLEHHHHHH
;
_entity_poly.pdbx_strand_id   AAA
#
loop_
_chem_comp.id
_chem_comp.type
_chem_comp.name
_chem_comp.formula
FIV non-polymer 'naphthalene-2-carboxylic acid' 'C11 H8 O2'
FMN non-polymer 'FLAVIN MONONUCLEOTIDE' 'C17 H21 N4 O9 P'
K non-polymer 'POTASSIUM ION' 'K 1'
MN non-polymer 'MANGANESE (II) ION' 'Mn 2'
#
# COMPACT_ATOMS: atom_id res chain seq x y z
N GLN A 4 7.48 20.57 12.79
CA GLN A 4 6.54 20.20 11.65
C GLN A 4 5.76 18.91 11.95
N PRO A 5 4.47 18.79 11.54
CA PRO A 5 3.59 17.72 12.04
C PRO A 5 3.96 16.35 11.51
N ALA A 6 3.63 15.33 12.29
CA ALA A 6 4.02 13.91 11.99
C ALA A 6 3.55 13.47 10.61
N HIS A 7 2.38 13.91 10.19
CA HIS A 7 1.87 13.51 8.86
C HIS A 7 2.59 14.22 7.69
N LEU A 8 3.34 15.29 7.99
CA LEU A 8 4.00 16.05 6.94
C LEU A 8 5.51 15.92 7.00
N CYS A 9 6.06 15.20 7.98
CA CYS A 9 7.51 15.11 8.14
C CYS A 9 7.87 13.76 8.76
N PHE A 10 8.62 12.98 8.03
CA PHE A 10 8.95 11.62 8.47
C PHE A 10 9.69 11.65 9.81
N ARG A 11 10.59 12.56 10.03
CA ARG A 11 11.33 12.62 11.31
C ARG A 11 10.37 12.84 12.45
N SER A 12 9.39 13.71 12.26
CA SER A 12 8.34 13.96 13.29
C SER A 12 7.46 12.72 13.49
N PHE A 13 7.16 11.98 12.41
CA PHE A 13 6.41 10.72 12.52
C PHE A 13 7.18 9.69 13.37
N VAL A 14 8.51 9.60 13.23
CA VAL A 14 9.28 8.63 14.05
C VAL A 14 9.16 9.07 15.52
N GLU A 15 9.26 10.37 15.79
N GLU A 15 9.27 10.37 15.77
CA GLU A 15 9.11 10.85 17.18
CA GLU A 15 9.11 10.91 17.15
C GLU A 15 7.70 10.55 17.69
C GLU A 15 7.71 10.56 17.68
N ALA A 16 6.68 10.63 16.84
CA ALA A 16 5.30 10.34 17.26
C ALA A 16 5.22 8.85 17.64
N LEU A 17 5.83 7.97 16.87
CA LEU A 17 5.78 6.53 17.25
C LEU A 17 6.49 6.32 18.61
N LYS A 18 7.54 7.07 18.89
N LYS A 18 7.55 7.08 18.81
CA LYS A 18 8.24 6.92 20.18
CA LYS A 18 8.38 7.04 20.04
C LYS A 18 7.25 7.32 21.27
C LYS A 18 7.47 7.44 21.20
N VAL A 19 6.66 8.51 21.14
N VAL A 19 6.74 8.55 21.10
CA VAL A 19 5.81 9.11 22.20
CA VAL A 19 5.96 9.05 22.27
C VAL A 19 4.60 8.22 22.44
C VAL A 19 4.60 8.32 22.40
N ASP A 20 4.13 7.57 21.39
CA ASP A 20 3.01 6.59 21.43
C ASP A 20 3.40 5.27 22.15
N ASN A 21 4.68 5.09 22.50
CA ASN A 21 5.20 3.81 23.01
C ASN A 21 4.90 2.73 21.94
N ASP A 22 5.15 3.11 20.67
CA ASP A 22 4.89 2.23 19.51
C ASP A 22 6.20 2.02 18.74
N LEU A 23 7.33 2.33 19.38
N LEU A 23 7.32 2.10 19.43
CA LEU A 23 8.71 2.25 18.86
CA LEU A 23 8.63 2.08 18.78
C LEU A 23 9.59 1.48 19.83
C LEU A 23 9.68 1.62 19.77
N VAL A 24 10.53 0.72 19.30
CA VAL A 24 11.67 0.18 20.06
C VAL A 24 12.90 0.66 19.35
N GLU A 25 13.65 1.50 20.05
CA GLU A 25 14.96 1.95 19.56
C GLU A 25 16.06 0.95 19.90
N ILE A 26 16.62 0.35 18.87
CA ILE A 26 17.70 -0.66 19.03
C ILE A 26 19.01 0.06 18.76
N ASN A 27 19.77 0.32 19.81
CA ASN A 27 20.99 1.16 19.74
C ASN A 27 22.28 0.35 19.66
N THR A 28 22.19 -0.99 19.75
CA THR A 28 23.32 -1.93 19.60
C THR A 28 23.41 -2.30 18.10
N PRO A 29 24.56 -2.82 17.67
CA PRO A 29 24.74 -3.04 16.24
C PRO A 29 23.79 -4.14 15.74
N ILE A 30 23.16 -3.86 14.62
CA ILE A 30 22.25 -4.79 13.92
C ILE A 30 22.75 -4.94 12.49
N ASP A 31 22.72 -6.16 11.98
CA ASP A 31 23.23 -6.44 10.62
C ASP A 31 22.13 -6.12 9.61
N PRO A 32 22.39 -5.29 8.58
CA PRO A 32 21.43 -5.15 7.50
C PRO A 32 21.33 -6.44 6.68
N ASN A 33 22.35 -7.30 6.74
CA ASN A 33 22.24 -8.62 6.07
C ASN A 33 21.32 -9.51 6.95
N LEU A 34 20.04 -9.51 6.61
CA LEU A 34 18.97 -10.33 7.20
C LEU A 34 18.51 -9.96 8.60
N GLU A 35 19.40 -9.59 9.50
CA GLU A 35 18.97 -9.40 10.90
C GLU A 35 17.91 -8.31 11.05
N ALA A 36 18.12 -7.11 10.47
CA ALA A 36 17.12 -6.04 10.64
C ALA A 36 15.76 -6.49 10.09
N ALA A 37 15.77 -7.16 8.91
CA ALA A 37 14.52 -7.57 8.27
C ALA A 37 13.91 -8.73 9.07
N ALA A 38 14.73 -9.58 9.72
CA ALA A 38 14.19 -10.71 10.51
C ALA A 38 13.44 -10.16 11.73
N ILE A 39 14.07 -9.21 12.42
CA ILE A 39 13.42 -8.51 13.55
C ILE A 39 12.13 -7.90 13.05
N THR A 40 12.22 -7.17 11.94
CA THR A 40 11.03 -6.50 11.38
C THR A 40 9.93 -7.53 11.02
N ARG A 41 10.32 -8.63 10.43
CA ARG A 41 9.37 -9.70 10.02
C ARG A 41 8.64 -10.22 11.24
N ARG A 42 9.38 -10.48 12.31
N ARG A 42 9.37 -10.45 12.33
CA ARG A 42 8.80 -10.99 13.58
CA ARG A 42 8.72 -11.00 13.55
C ARG A 42 7.84 -9.93 14.13
C ARG A 42 7.83 -9.92 14.18
N VAL A 43 8.28 -8.66 14.13
CA VAL A 43 7.36 -7.56 14.52
C VAL A 43 6.03 -7.68 13.75
N CYS A 44 6.08 -7.76 12.41
CA CYS A 44 4.88 -7.78 11.57
C CYS A 44 4.00 -9.01 11.86
N GLU A 45 4.64 -10.16 12.12
CA GLU A 45 3.90 -11.38 12.39
C GLU A 45 3.24 -11.33 13.77
N THR A 46 3.69 -10.43 14.64
CA THR A 46 3.19 -10.40 16.02
C THR A 46 2.59 -9.06 16.41
N ASN A 47 2.43 -8.17 15.45
CA ASN A 47 1.89 -6.82 15.68
C ASN A 47 2.60 -6.06 16.84
N ASP A 48 3.91 -6.23 16.93
CA ASP A 48 4.76 -5.57 17.97
C ASP A 48 5.05 -4.12 17.51
N LYS A 49 5.78 -3.44 18.37
CA LYS A 49 6.24 -2.08 18.15
C LYS A 49 7.18 -2.06 16.93
N ALA A 50 7.18 -0.91 16.26
CA ALA A 50 8.06 -0.67 15.13
C ALA A 50 9.50 -0.59 15.61
N PRO A 51 10.42 -1.30 14.92
CA PRO A 51 11.83 -1.21 15.30
C PRO A 51 12.56 -0.08 14.59
N LEU A 52 13.29 0.72 15.38
CA LEU A 52 14.19 1.76 14.82
C LEU A 52 15.62 1.31 15.08
N PHE A 53 16.34 0.96 14.02
CA PHE A 53 17.71 0.44 14.10
C PHE A 53 18.62 1.66 14.01
N ASN A 54 19.09 2.14 15.15
CA ASN A 54 19.95 3.34 15.22
C ASN A 54 21.42 3.01 15.01
N ASN A 55 21.76 1.73 14.90
CA ASN A 55 23.16 1.31 14.87
C ASN A 55 23.26 0.16 13.88
N LEU A 56 23.33 0.48 12.61
N LEU A 56 23.26 0.47 12.58
CA LEU A 56 23.28 -0.50 11.53
CA LEU A 56 23.35 -0.54 11.48
C LEU A 56 24.72 -0.74 11.14
C LEU A 56 24.77 -0.74 11.11
N ILE A 57 25.14 -2.00 11.10
CA ILE A 57 26.51 -2.41 10.68
C ILE A 57 26.69 -1.99 9.21
N GLY A 58 27.68 -1.12 9.01
CA GLY A 58 27.98 -0.65 7.65
C GLY A 58 27.50 0.76 7.42
N MET A 59 26.80 1.42 8.38
N MET A 59 26.86 1.37 8.39
CA MET A 59 26.38 2.83 8.22
CA MET A 59 26.57 2.80 8.26
C MET A 59 27.65 3.73 8.18
C MET A 59 27.88 3.51 7.90
N LYS A 60 27.77 4.53 7.10
CA LYS A 60 28.98 5.31 6.66
C LYS A 60 28.49 6.76 6.50
N ASN A 61 29.07 7.76 7.22
CA ASN A 61 28.81 9.19 6.91
C ASN A 61 27.33 9.51 6.98
N GLY A 62 26.62 8.95 7.96
CA GLY A 62 25.21 9.26 8.21
C GLY A 62 24.25 8.43 7.37
N LEU A 63 24.73 7.52 6.50
CA LEU A 63 23.81 6.65 5.72
C LEU A 63 23.96 5.24 6.24
N PHE A 64 22.93 4.70 6.85
CA PHE A 64 21.68 5.27 7.31
C PHE A 64 21.20 4.40 8.49
N ARG A 65 20.23 4.89 9.23
CA ARG A 65 19.45 4.11 10.22
C ARG A 65 18.31 3.44 9.45
N ILE A 66 17.57 2.49 10.06
CA ILE A 66 16.38 1.92 9.39
C ILE A 66 15.22 1.96 10.37
N LEU A 67 14.05 2.33 9.90
CA LEU A 67 12.79 2.11 10.59
C LEU A 67 12.10 0.97 9.84
N GLY A 68 11.84 -0.12 10.54
CA GLY A 68 10.99 -1.18 10.02
C GLY A 68 9.52 -1.02 10.40
N ALA A 69 8.67 -1.72 9.66
CA ALA A 69 7.23 -1.85 9.95
C ALA A 69 6.55 -0.47 10.14
N PRO A 70 6.81 0.51 9.23
CA PRO A 70 6.23 1.84 9.43
C PRO A 70 4.70 1.96 9.34
N GLY A 71 4.11 1.00 8.65
CA GLY A 71 2.65 0.99 8.46
C GLY A 71 1.99 -0.32 8.83
N SER A 72 2.61 -1.03 9.79
CA SER A 72 2.10 -2.32 10.27
C SER A 72 1.13 -2.13 11.44
N LEU A 73 0.58 -3.23 11.96
CA LEU A 73 -0.52 -3.13 12.91
C LEU A 73 0.03 -3.08 14.34
N ARG A 74 -0.77 -2.48 15.18
CA ARG A 74 -0.54 -2.54 16.65
C ARG A 74 -1.34 -3.73 17.27
N LYS A 75 -0.93 -4.16 18.47
CA LYS A 75 -1.47 -5.39 19.09
C LYS A 75 -2.91 -5.17 19.48
N SER A 76 -3.20 -3.99 20.02
N SER A 76 -3.22 -4.03 20.09
CA SER A 76 -4.55 -3.72 20.59
CA SER A 76 -4.56 -3.84 20.71
C SER A 76 -5.57 -3.58 19.47
C SER A 76 -5.59 -3.44 19.65
N SER A 77 -6.81 -3.98 19.74
CA SER A 77 -7.92 -3.67 18.80
C SER A 77 -8.21 -2.15 18.81
N ALA A 78 -8.06 -1.49 19.96
CA ALA A 78 -8.49 -0.10 20.12
C ALA A 78 -7.66 0.83 19.20
N ASP A 79 -6.37 0.58 19.01
CA ASP A 79 -5.54 1.42 18.11
C ASP A 79 -4.83 0.55 17.08
N ARG A 80 -5.51 -0.52 16.61
CA ARG A 80 -4.97 -1.50 15.64
C ARG A 80 -4.29 -0.76 14.48
N TYR A 81 -4.91 0.34 13.99
CA TYR A 81 -4.44 1.03 12.78
C TYR A 81 -3.74 2.36 13.12
N GLY A 82 -3.27 2.46 14.36
CA GLY A 82 -2.68 3.71 14.84
C GLY A 82 -1.50 4.18 13.98
N ARG A 83 -0.63 3.29 13.47
N ARG A 83 -0.70 3.25 13.49
CA ARG A 83 0.51 3.74 12.62
CA ARG A 83 0.50 3.61 12.74
C ARG A 83 -0.05 4.40 11.37
C ARG A 83 0.05 4.23 11.41
N LEU A 84 -1.08 3.81 10.81
CA LEU A 84 -1.67 4.42 9.59
C LEU A 84 -2.28 5.78 9.95
N ALA A 85 -3.01 5.84 11.07
CA ALA A 85 -3.59 7.10 11.55
C ALA A 85 -2.49 8.17 11.74
N ARG A 86 -1.28 7.77 12.15
CA ARG A 86 -0.15 8.71 12.39
C ARG A 86 0.39 9.17 11.04
N HIS A 87 0.07 8.49 9.92
CA HIS A 87 0.45 8.98 8.58
C HIS A 87 -0.44 10.16 8.16
N LEU A 88 -1.56 10.39 8.85
CA LEU A 88 -2.65 11.19 8.28
C LEU A 88 -3.22 12.22 9.25
N ALA A 89 -2.63 12.39 10.41
CA ALA A 89 -3.09 13.37 11.44
C ALA A 89 -4.41 12.90 12.04
N LEU A 90 -4.73 11.63 11.91
CA LEU A 90 -5.96 11.10 12.51
C LEU A 90 -5.69 10.60 13.93
N PRO A 91 -6.72 10.60 14.80
CA PRO A 91 -6.54 9.95 16.11
C PRO A 91 -6.06 8.50 15.96
N PRO A 92 -5.21 8.00 16.88
CA PRO A 92 -4.66 6.66 16.74
C PRO A 92 -5.73 5.53 16.83
N THR A 93 -6.88 5.84 17.40
CA THR A 93 -8.09 5.00 17.51
C THR A 93 -8.93 5.03 16.25
N ALA A 94 -8.45 5.66 15.19
CA ALA A 94 -9.23 5.73 13.93
C ALA A 94 -9.57 4.32 13.40
N SER A 95 -10.78 4.21 12.89
CA SER A 95 -11.24 3.01 12.17
C SER A 95 -10.65 2.99 10.77
N MET A 96 -10.71 1.82 10.19
CA MET A 96 -10.30 1.70 8.79
C MET A 96 -11.23 2.55 7.90
N ARG A 97 -12.53 2.56 8.17
CA ARG A 97 -13.48 3.40 7.37
C ARG A 97 -12.98 4.86 7.43
N GLU A 98 -12.59 5.32 8.61
CA GLU A 98 -12.13 6.72 8.78
C GLU A 98 -10.81 6.97 8.05
N ILE A 99 -9.91 6.01 8.05
CA ILE A 99 -8.64 6.12 7.33
C ILE A 99 -8.92 6.18 5.83
N LEU A 100 -9.76 5.28 5.35
CA LEU A 100 -10.04 5.24 3.89
C LEU A 100 -10.85 6.45 3.43
N ASP A 101 -11.76 6.94 4.25
CA ASP A 101 -12.51 8.19 3.93
C ASP A 101 -11.52 9.34 3.89
N LYS A 102 -10.53 9.38 4.78
CA LYS A 102 -9.51 10.48 4.73
C LYS A 102 -8.72 10.39 3.42
N MET A 103 -8.30 9.18 3.01
CA MET A 103 -7.55 8.97 1.77
C MET A 103 -8.40 9.29 0.52
N LEU A 104 -9.70 9.17 0.60
CA LEU A 104 -10.62 9.47 -0.54
C LEU A 104 -11.07 10.94 -0.56
N SER A 105 -10.86 11.69 0.54
CA SER A 105 -11.47 13.00 0.75
C SER A 105 -11.01 13.96 -0.37
N ALA A 106 -9.80 13.82 -0.90
CA ALA A 106 -9.25 14.76 -1.91
C ALA A 106 -9.88 14.51 -3.28
N SER A 107 -10.62 13.40 -3.47
N SER A 107 -10.55 13.36 -3.48
CA SER A 107 -11.14 12.99 -4.80
CA SER A 107 -11.08 12.97 -4.81
C SER A 107 -12.18 13.99 -5.33
C SER A 107 -11.91 14.11 -5.38
N ASP A 108 -12.87 14.71 -4.44
N ASP A 108 -12.73 14.69 -4.53
CA ASP A 108 -13.77 15.79 -4.92
CA ASP A 108 -13.80 15.70 -4.81
C ASP A 108 -13.35 17.10 -4.26
C ASP A 108 -13.28 17.14 -4.75
N MET A 109 -12.04 17.34 -4.25
CA MET A 109 -11.55 18.68 -3.89
C MET A 109 -10.64 19.17 -5.00
N PRO A 110 -10.56 20.48 -5.21
CA PRO A 110 -9.50 21.03 -6.01
C PRO A 110 -8.14 20.65 -5.40
N PRO A 111 -7.15 20.27 -6.25
CA PRO A 111 -5.80 20.04 -5.78
C PRO A 111 -5.30 21.29 -5.10
N ILE A 112 -4.38 21.07 -4.16
CA ILE A 112 -3.59 22.15 -3.58
C ILE A 112 -2.17 21.89 -4.04
N PRO A 113 -1.72 22.63 -5.06
CA PRO A 113 -0.38 22.40 -5.58
C PRO A 113 0.71 22.62 -4.53
N PRO A 114 1.87 21.99 -4.74
CA PRO A 114 2.99 22.11 -3.83
C PRO A 114 3.66 23.49 -3.94
N THR A 115 4.37 23.84 -2.86
CA THR A 115 5.11 25.09 -2.70
C THR A 115 6.59 24.79 -2.85
N ILE A 116 7.30 25.54 -3.70
CA ILE A 116 8.75 25.32 -3.91
C ILE A 116 9.46 26.19 -2.85
N VAL A 117 10.38 25.57 -2.13
CA VAL A 117 11.26 26.25 -1.17
C VAL A 117 12.68 26.06 -1.63
N PRO A 118 13.57 26.98 -1.25
CA PRO A 118 14.92 26.96 -1.78
C PRO A 118 15.82 25.88 -1.21
N THR A 119 15.49 25.39 -0.01
CA THR A 119 16.32 24.32 0.61
C THR A 119 15.46 23.57 1.63
N GLY A 120 16.05 22.53 2.17
CA GLY A 120 15.38 21.78 3.25
C GLY A 120 16.32 20.78 3.89
N PRO A 121 15.87 20.04 4.92
CA PRO A 121 16.76 19.07 5.55
C PRO A 121 17.39 18.03 4.61
N CYS A 122 16.68 17.68 3.52
CA CYS A 122 17.21 16.66 2.58
C CYS A 122 18.48 17.16 1.88
N LYS A 123 18.87 18.43 2.06
CA LYS A 123 20.08 18.96 1.42
C LYS A 123 21.22 19.06 2.43
N GLU A 124 21.02 18.59 3.66
CA GLU A 124 22.07 18.68 4.70
C GLU A 124 23.39 18.05 4.27
N ASN A 125 23.30 17.00 3.48
CA ASN A 125 24.48 16.25 3.00
C ASN A 125 24.26 15.88 1.53
N SER A 126 25.36 15.75 0.81
CA SER A 126 25.27 15.27 -0.57
C SER A 126 26.50 14.44 -0.89
N LEU A 127 26.29 13.55 -1.87
CA LEU A 127 27.36 12.71 -2.42
C LEU A 127 27.20 12.68 -3.94
N ASP A 128 28.25 13.06 -4.64
CA ASP A 128 28.17 13.05 -6.09
C ASP A 128 28.61 11.68 -6.59
N ASP A 129 28.59 11.59 -7.92
N ASP A 129 28.51 11.50 -7.92
CA ASP A 129 28.87 10.40 -8.76
CA ASP A 129 28.90 10.29 -8.69
C ASP A 129 30.29 9.83 -8.51
C ASP A 129 30.19 9.68 -8.13
N SER A 130 31.17 10.52 -7.77
CA SER A 130 32.53 10.05 -7.44
C SER A 130 32.67 9.69 -5.95
N GLU A 131 31.62 9.87 -5.16
CA GLU A 131 31.70 9.85 -3.68
C GLU A 131 30.84 8.74 -3.10
N PHE A 132 29.84 8.22 -3.78
CA PHE A 132 29.01 7.15 -3.20
C PHE A 132 29.23 5.87 -3.98
N ASP A 133 28.90 4.77 -3.34
CA ASP A 133 28.89 3.43 -3.99
C ASP A 133 27.73 2.68 -3.31
N LEU A 134 26.65 2.41 -4.03
CA LEU A 134 25.44 1.85 -3.44
C LEU A 134 25.73 0.45 -2.86
N THR A 135 26.79 -0.21 -3.34
CA THR A 135 27.20 -1.53 -2.78
C THR A 135 27.94 -1.39 -1.46
N GLU A 136 28.33 -0.19 -1.08
CA GLU A 136 29.12 0.06 0.14
C GLU A 136 28.15 0.61 1.23
N LEU A 137 26.88 0.92 0.94
CA LEU A 137 25.85 1.35 1.95
C LEU A 137 25.24 0.12 2.62
N PRO A 138 24.65 0.30 3.79
CA PRO A 138 24.08 -0.81 4.57
C PRO A 138 22.67 -1.14 4.07
N VAL A 139 22.59 -1.39 2.76
CA VAL A 139 21.32 -1.77 2.14
C VAL A 139 20.89 -3.15 2.67
N PRO A 140 19.65 -3.33 3.10
CA PRO A 140 19.30 -4.62 3.68
C PRO A 140 19.11 -5.74 2.65
N LEU A 141 19.49 -6.94 3.10
CA LEU A 141 19.01 -8.20 2.48
C LEU A 141 17.79 -8.54 3.32
N ILE A 142 16.61 -8.52 2.71
CA ILE A 142 15.33 -8.57 3.44
C ILE A 142 14.90 -10.03 3.66
N HIS A 143 15.11 -10.88 2.67
CA HIS A 143 14.80 -12.34 2.74
C HIS A 143 16.03 -13.10 2.26
N LYS A 144 16.24 -14.30 2.79
N LYS A 144 16.31 -14.28 2.81
CA LYS A 144 17.53 -15.01 2.61
CA LYS A 144 17.64 -14.90 2.56
C LYS A 144 17.79 -15.37 1.13
C LYS A 144 17.81 -15.30 1.07
N SER A 145 16.75 -15.63 0.33
CA SER A 145 16.84 -15.96 -1.10
C SER A 145 16.62 -14.77 -2.01
N ASP A 146 16.50 -13.54 -1.49
CA ASP A 146 16.33 -12.40 -2.42
C ASP A 146 17.50 -12.33 -3.40
N GLY A 147 17.21 -11.86 -4.61
CA GLY A 147 18.23 -11.74 -5.65
C GLY A 147 19.10 -10.48 -5.55
N GLY A 148 18.86 -9.66 -4.56
CA GLY A 148 19.63 -8.47 -4.33
C GLY A 148 19.28 -7.82 -3.05
N LYS A 149 19.95 -6.71 -2.75
N LYS A 149 19.98 -6.72 -2.76
CA LYS A 149 19.66 -5.94 -1.52
CA LYS A 149 19.75 -5.86 -1.59
C LYS A 149 18.66 -4.85 -1.88
C LYS A 149 18.64 -4.87 -1.94
N TYR A 150 17.46 -4.99 -1.30
CA TYR A 150 16.31 -4.15 -1.69
C TYR A 150 16.32 -2.86 -0.90
N ILE A 151 17.01 -1.88 -1.48
CA ILE A 151 17.09 -0.51 -0.92
C ILE A 151 15.71 0.11 -0.88
N GLN A 152 14.86 -0.25 -1.85
CA GLN A 152 13.59 0.42 -2.08
C GLN A 152 12.44 -0.52 -1.82
N THR A 153 11.81 -0.32 -0.67
CA THR A 153 10.52 -0.92 -0.29
C THR A 153 9.51 0.10 0.18
N TYR A 154 9.96 1.31 0.61
CA TYR A 154 9.02 2.27 1.23
C TYR A 154 9.40 3.71 0.88
N GLY A 155 10.20 3.89 -0.15
CA GLY A 155 10.41 5.22 -0.75
C GLY A 155 9.47 5.48 -1.90
N MET A 156 9.54 6.75 -2.34
N MET A 156 9.49 6.72 -2.37
CA MET A 156 8.63 7.37 -3.33
CA MET A 156 8.52 7.14 -3.40
C MET A 156 9.41 7.59 -4.64
C MET A 156 9.29 7.61 -4.63
N HIS A 157 9.05 6.88 -5.72
CA HIS A 157 9.59 7.25 -7.03
C HIS A 157 8.82 8.47 -7.51
N ILE A 158 9.58 9.38 -8.11
CA ILE A 158 9.08 10.65 -8.69
C ILE A 158 9.47 10.66 -10.16
N VAL A 159 8.47 10.60 -11.01
CA VAL A 159 8.65 10.78 -12.46
C VAL A 159 7.52 11.67 -12.98
N GLN A 160 7.82 12.35 -14.08
CA GLN A 160 6.92 13.32 -14.67
C GLN A 160 6.73 13.03 -16.17
N SER A 161 5.52 13.27 -16.63
CA SER A 161 5.19 13.09 -18.06
C SER A 161 6.11 13.99 -18.89
N PRO A 162 6.45 13.62 -20.13
CA PRO A 162 7.32 14.48 -20.98
C PRO A 162 6.81 15.92 -21.11
N ASP A 163 5.49 16.11 -21.11
CA ASP A 163 4.86 17.43 -21.32
C ASP A 163 4.82 18.24 -20.01
N GLY A 164 5.26 17.64 -18.90
CA GLY A 164 5.33 18.32 -17.59
C GLY A 164 4.00 18.44 -16.87
N THR A 165 2.88 17.95 -17.39
CA THR A 165 1.54 18.19 -16.81
C THR A 165 1.18 17.21 -15.68
N TRP A 166 1.90 16.10 -15.58
CA TRP A 166 1.60 15.07 -14.57
C TRP A 166 2.88 14.68 -13.89
N THR A 167 2.94 14.85 -12.56
CA THR A 167 4.03 14.32 -11.77
C THR A 167 3.51 13.22 -10.82
N ASN A 168 4.02 12.02 -11.02
CA ASN A 168 3.54 10.84 -10.29
C ASN A 168 4.47 10.50 -9.16
N TRP A 169 3.85 10.15 -8.02
CA TRP A 169 4.52 9.61 -6.82
C TRP A 169 4.00 8.21 -6.57
N SER A 170 4.90 7.24 -6.50
CA SER A 170 4.46 5.84 -6.27
C SER A 170 5.55 5.02 -5.60
N ILE A 171 5.14 3.95 -4.96
CA ILE A 171 6.09 2.92 -4.47
C ILE A 171 6.16 1.81 -5.52
N ALA A 172 7.36 1.39 -5.82
CA ALA A 172 7.69 0.19 -6.59
C ALA A 172 9.05 -0.28 -6.13
N ARG A 173 9.21 -1.58 -5.96
CA ARG A 173 10.44 -2.13 -5.42
C ARG A 173 11.64 -1.86 -6.34
N ALA A 174 12.81 -1.80 -5.70
CA ALA A 174 14.07 -1.71 -6.42
C ALA A 174 15.20 -2.20 -5.56
N MET A 175 16.17 -2.83 -6.21
CA MET A 175 17.37 -3.39 -5.57
C MET A 175 18.61 -2.81 -6.20
N VAL A 176 19.68 -2.88 -5.45
CA VAL A 176 20.99 -2.45 -5.93
C VAL A 176 21.53 -3.39 -7.02
N HIS A 177 21.91 -2.79 -8.14
CA HIS A 177 22.52 -3.55 -9.28
C HIS A 177 24.04 -3.44 -9.24
N ASP A 178 24.54 -2.23 -9.05
CA ASP A 178 26.01 -1.99 -8.94
C ASP A 178 26.19 -0.65 -8.25
N LYS A 179 27.41 -0.13 -8.29
CA LYS A 179 27.75 1.07 -7.48
C LYS A 179 26.82 2.25 -7.75
N ASN A 180 26.27 2.36 -8.97
CA ASN A 180 25.49 3.55 -9.36
C ASN A 180 24.26 3.12 -10.16
N HIS A 181 23.70 1.92 -9.94
CA HIS A 181 22.43 1.55 -10.58
C HIS A 181 21.56 0.69 -9.67
N LEU A 182 20.24 0.83 -9.86
CA LEU A 182 19.26 -0.07 -9.28
C LEU A 182 18.62 -0.87 -10.44
N THR A 183 18.00 -1.99 -10.11
CA THR A 183 16.97 -2.56 -10.97
C THR A 183 15.68 -2.67 -10.17
N GLY A 184 14.55 -2.68 -10.87
N GLY A 184 14.55 -2.61 -10.87
CA GLY A 184 13.26 -2.82 -10.21
CA GLY A 184 13.23 -2.70 -10.22
C GLY A 184 12.16 -3.18 -11.19
C GLY A 184 12.15 -3.12 -11.18
N LEU A 185 11.01 -3.50 -10.64
CA LEU A 185 9.78 -3.75 -11.36
C LEU A 185 9.11 -2.47 -11.79
N VAL A 186 8.94 -2.38 -13.10
N VAL A 186 8.94 -2.35 -13.10
CA VAL A 186 8.11 -1.33 -13.76
CA VAL A 186 8.12 -1.29 -13.75
C VAL A 186 7.14 -2.07 -14.68
C VAL A 186 7.14 -1.99 -14.69
N ILE A 187 5.92 -2.27 -14.21
CA ILE A 187 5.00 -3.15 -14.97
C ILE A 187 3.70 -2.44 -15.20
N PRO A 188 2.99 -2.80 -16.28
CA PRO A 188 1.68 -2.23 -16.49
C PRO A 188 0.71 -2.79 -15.45
N PRO A 189 -0.34 -2.06 -15.05
CA PRO A 189 -0.69 -0.73 -15.53
C PRO A 189 -0.21 0.45 -14.68
N GLN A 190 0.88 0.23 -13.95
CA GLN A 190 1.33 1.21 -12.93
C GLN A 190 1.66 2.54 -13.60
N HIS A 191 1.50 3.60 -12.86
CA HIS A 191 1.76 4.95 -13.40
C HIS A 191 3.24 5.13 -13.70
N ILE A 192 4.17 4.54 -12.94
CA ILE A 192 5.59 4.65 -13.31
C ILE A 192 5.82 4.01 -14.68
N TRP A 193 5.09 2.95 -14.97
CA TRP A 193 5.20 2.28 -16.27
C TRP A 193 4.53 3.14 -17.35
N GLN A 194 3.33 3.67 -17.09
CA GLN A 194 2.60 4.54 -18.05
C GLN A 194 3.49 5.74 -18.49
N ILE A 195 4.09 6.41 -17.52
CA ILE A 195 5.04 7.50 -17.79
C ILE A 195 6.31 7.00 -18.49
N HIS A 196 6.89 5.88 -18.08
N HIS A 196 6.88 5.85 -18.08
CA HIS A 196 8.06 5.34 -18.80
CA HIS A 196 8.04 5.21 -18.77
C HIS A 196 7.68 5.20 -20.29
C HIS A 196 7.73 5.07 -20.27
N GLN A 197 6.50 4.68 -20.58
CA GLN A 197 6.05 4.40 -21.96
C GLN A 197 6.00 5.74 -22.72
N MET A 198 5.53 6.78 -22.07
CA MET A 198 5.46 8.08 -22.73
C MET A 198 6.88 8.52 -23.14
N TRP A 199 7.88 8.40 -22.27
CA TRP A 199 9.28 8.78 -22.59
C TRP A 199 9.80 7.83 -23.65
N LYS A 200 9.50 6.55 -23.59
N LYS A 200 9.48 6.54 -23.56
CA LYS A 200 10.07 5.62 -24.61
CA LYS A 200 10.00 5.54 -24.54
C LYS A 200 9.52 5.94 -25.99
C LYS A 200 9.51 5.93 -25.94
N LYS A 201 8.23 6.28 -26.09
CA LYS A 201 7.65 6.63 -27.42
C LYS A 201 8.22 7.97 -27.88
N GLU A 202 8.48 8.91 -26.98
CA GLU A 202 9.21 10.14 -27.44
C GLU A 202 10.60 9.78 -27.93
N GLY A 203 11.28 8.83 -27.25
CA GLY A 203 12.54 8.22 -27.72
C GLY A 203 13.78 9.07 -27.55
N ARG A 204 13.64 10.28 -27.02
CA ARG A 204 14.77 11.27 -26.98
C ARG A 204 15.73 10.97 -25.80
N SER A 205 15.21 10.69 -24.62
N SER A 205 15.17 10.65 -24.63
CA SER A 205 16.11 10.57 -23.45
CA SER A 205 15.89 10.79 -23.33
C SER A 205 15.53 9.60 -22.44
C SER A 205 15.48 9.68 -22.36
N ASP A 206 16.39 9.23 -21.52
CA ASP A 206 16.00 8.43 -20.36
C ASP A 206 15.10 9.31 -19.48
N VAL A 207 14.30 8.70 -18.60
CA VAL A 207 13.31 9.44 -17.81
C VAL A 207 13.99 10.12 -16.63
N PRO A 208 13.89 11.48 -16.49
CA PRO A 208 14.42 12.10 -15.31
C PRO A 208 13.66 11.46 -14.13
N TRP A 209 14.42 11.19 -13.08
CA TRP A 209 13.88 10.38 -11.94
C TRP A 209 14.50 10.86 -10.63
N ALA A 210 13.70 10.72 -9.58
CA ALA A 210 14.24 10.73 -8.22
C ALA A 210 13.44 9.69 -7.41
N LEU A 211 14.11 9.25 -6.36
CA LEU A 211 13.56 8.30 -5.38
C LEU A 211 13.83 8.90 -3.99
N ALA A 212 12.79 9.27 -3.31
CA ALA A 212 12.87 9.95 -2.01
C ALA A 212 12.39 8.95 -0.95
N PHE A 213 13.22 8.73 0.04
CA PHE A 213 12.91 7.83 1.18
C PHE A 213 12.65 8.70 2.40
N GLY A 214 11.76 8.24 3.27
CA GLY A 214 11.37 9.01 4.44
C GLY A 214 10.73 10.31 4.03
N VAL A 215 9.75 10.23 3.13
CA VAL A 215 8.96 11.39 2.70
C VAL A 215 7.86 11.62 3.72
N PRO A 216 7.16 12.75 3.61
CA PRO A 216 5.99 13.02 4.42
C PRO A 216 5.04 11.80 4.44
N PRO A 217 4.69 11.30 5.65
CA PRO A 217 3.79 10.13 5.71
C PRO A 217 2.53 10.25 4.88
N ALA A 218 1.92 11.41 4.82
CA ALA A 218 0.68 11.51 4.03
C ALA A 218 1.03 11.27 2.55
N ALA A 219 2.24 11.65 2.12
CA ALA A 219 2.69 11.46 0.74
C ALA A 219 2.99 9.96 0.46
N ILE A 220 3.56 9.21 1.41
CA ILE A 220 3.79 7.77 1.14
C ILE A 220 2.46 7.00 1.09
N MET A 221 1.44 7.46 1.79
N MET A 221 1.44 7.46 1.82
CA MET A 221 0.12 6.81 1.68
CA MET A 221 0.07 6.87 1.76
C MET A 221 -0.44 7.03 0.28
C MET A 221 -0.48 7.05 0.33
N ALA A 222 -0.45 8.27 -0.21
CA ALA A 222 -0.96 8.51 -1.58
C ALA A 222 -0.07 7.74 -2.58
N SER A 223 1.23 7.62 -2.33
CA SER A 223 2.16 6.90 -3.20
C SER A 223 1.69 5.46 -3.37
N SER A 224 1.04 4.89 -2.33
N SER A 224 1.02 4.92 -2.34
CA SER A 224 0.56 3.50 -2.32
CA SER A 224 0.57 3.52 -2.29
C SER A 224 -0.87 3.35 -2.81
C SER A 224 -0.86 3.36 -2.80
N MET A 225 -1.50 4.44 -3.23
CA MET A 225 -2.90 4.46 -3.60
C MET A 225 -3.07 4.65 -5.11
N PRO A 226 -3.99 3.88 -5.74
CA PRO A 226 -4.20 4.07 -7.19
C PRO A 226 -5.16 5.18 -7.48
N ILE A 227 -4.73 6.42 -7.16
CA ILE A 227 -5.55 7.58 -7.54
C ILE A 227 -5.48 7.65 -9.06
N PRO A 228 -6.38 8.44 -9.67
CA PRO A 228 -6.53 8.31 -11.13
C PRO A 228 -5.33 8.70 -11.99
N ASP A 229 -5.37 8.16 -13.20
CA ASP A 229 -4.39 8.50 -14.26
C ASP A 229 -4.34 10.04 -14.41
N GLY A 230 -3.17 10.59 -14.56
CA GLY A 230 -3.00 12.03 -14.82
C GLY A 230 -3.15 12.91 -13.62
N VAL A 231 -3.37 12.34 -12.43
CA VAL A 231 -3.50 13.15 -11.21
C VAL A 231 -2.16 13.19 -10.47
N THR A 232 -1.72 14.39 -10.18
CA THR A 232 -0.45 14.61 -9.53
C THR A 232 -0.63 14.35 -8.05
N GLU A 233 0.06 13.37 -7.50
CA GLU A 233 -0.18 12.97 -6.07
C GLU A 233 0.11 14.17 -5.16
N ALA A 234 1.05 15.04 -5.50
CA ALA A 234 1.40 16.17 -4.58
C ALA A 234 0.16 17.03 -4.28
N GLY A 235 -0.61 17.35 -5.32
CA GLY A 235 -1.81 18.18 -5.19
C GLY A 235 -2.97 17.46 -4.48
N TYR A 236 -3.01 16.14 -4.62
CA TYR A 236 -4.04 15.34 -3.95
C TYR A 236 -3.69 15.28 -2.46
N VAL A 237 -2.41 15.01 -2.11
CA VAL A 237 -2.00 15.06 -0.67
C VAL A 237 -2.21 16.46 -0.08
N GLY A 238 -1.92 17.50 -0.87
CA GLY A 238 -2.20 18.87 -0.44
C GLY A 238 -3.64 19.01 -0.08
N ALA A 239 -4.54 18.57 -0.98
CA ALA A 239 -5.98 18.75 -0.69
C ALA A 239 -6.37 17.91 0.52
N MET A 240 -5.89 16.70 0.58
CA MET A 240 -6.27 15.75 1.69
C MET A 240 -5.86 16.34 3.05
N THR A 241 -4.66 16.93 3.16
CA THR A 241 -4.10 17.48 4.42
C THR A 241 -4.48 18.93 4.65
N GLY A 242 -5.08 19.58 3.63
CA GLY A 242 -5.33 21.03 3.68
C GLY A 242 -4.07 21.87 3.75
N SER A 243 -2.94 21.32 3.34
CA SER A 243 -1.69 22.07 3.35
C SER A 243 -0.86 21.82 2.09
N SER A 244 -0.36 22.89 1.47
CA SER A 244 0.55 22.76 0.34
C SER A 244 1.87 22.15 0.78
N LEU A 245 2.27 21.05 0.14
CA LEU A 245 3.56 20.38 0.47
C LEU A 245 4.73 21.22 -0.02
N GLU A 246 5.71 21.37 0.86
CA GLU A 246 6.98 22.05 0.51
C GLU A 246 7.92 21.08 -0.21
N LEU A 247 8.32 21.45 -1.42
CA LEU A 247 9.29 20.66 -2.18
C LEU A 247 10.50 21.52 -2.54
N VAL A 248 11.64 20.85 -2.69
N VAL A 248 11.64 20.85 -2.71
CA VAL A 248 12.91 21.47 -3.15
CA VAL A 248 12.93 21.46 -3.12
C VAL A 248 13.32 20.83 -4.45
C VAL A 248 13.40 20.82 -4.42
N LYS A 249 13.95 21.62 -5.33
CA LYS A 249 14.47 21.07 -6.57
C LYS A 249 15.62 20.13 -6.30
N CYS A 250 15.62 19.04 -7.08
CA CYS A 250 16.81 18.21 -7.21
C CYS A 250 18.00 19.05 -7.70
N ASP A 251 19.20 18.62 -7.33
CA ASP A 251 20.45 19.28 -7.75
C ASP A 251 20.77 18.99 -9.20
N THR A 252 20.55 17.76 -9.67
CA THR A 252 21.00 17.31 -11.01
C THR A 252 19.84 17.18 -12.01
N ASN A 253 18.61 17.48 -11.63
CA ASN A 253 17.51 17.54 -12.62
C ASN A 253 16.47 18.50 -12.09
N ASP A 254 15.37 18.67 -12.83
CA ASP A 254 14.36 19.69 -12.50
C ASP A 254 13.12 19.10 -11.82
N LEU A 255 13.25 17.89 -11.29
CA LEU A 255 12.19 17.35 -10.46
C LEU A 255 12.27 17.97 -9.06
N TYR A 256 11.21 17.85 -8.32
CA TYR A 256 11.09 18.40 -6.96
C TYR A 256 10.78 17.26 -5.97
N VAL A 257 11.45 17.30 -4.84
CA VAL A 257 11.35 16.26 -3.79
C VAL A 257 10.84 16.94 -2.51
N PRO A 258 10.19 16.18 -1.62
CA PRO A 258 9.78 16.78 -0.34
C PRO A 258 11.00 17.30 0.42
N ALA A 259 10.86 18.53 0.93
CA ALA A 259 11.99 19.25 1.54
C ALA A 259 12.58 18.50 2.74
N THR A 260 11.78 17.71 3.46
CA THR A 260 12.24 16.96 4.66
C THR A 260 12.49 15.48 4.34
N SER A 261 12.60 15.13 3.06
CA SER A 261 12.98 13.75 2.66
C SER A 261 14.26 13.31 3.42
N GLU A 262 14.28 12.08 3.99
CA GLU A 262 15.46 11.61 4.72
C GLU A 262 16.61 11.38 3.74
N ILE A 263 16.30 10.75 2.60
CA ILE A 263 17.34 10.35 1.63
C ILE A 263 16.74 10.51 0.25
N VAL A 264 17.52 11.12 -0.64
CA VAL A 264 17.07 11.36 -2.02
C VAL A 264 18.10 10.80 -3.00
N LEU A 265 17.65 9.94 -3.91
CA LEU A 265 18.48 9.54 -5.05
C LEU A 265 17.97 10.32 -6.25
N GLU A 266 18.92 10.87 -7.00
CA GLU A 266 18.62 11.61 -8.26
C GLU A 266 19.22 10.87 -9.42
N GLY A 267 18.50 10.74 -10.54
CA GLY A 267 19.17 10.17 -11.72
C GLY A 267 18.18 9.95 -12.81
N THR A 268 18.29 8.80 -13.49
CA THR A 268 17.40 8.50 -14.63
C THR A 268 16.91 7.05 -14.59
N LEU A 269 15.71 6.86 -15.13
CA LEU A 269 15.14 5.54 -15.40
C LEU A 269 15.33 5.29 -16.91
N SER A 270 16.00 4.22 -17.25
CA SER A 270 16.41 4.01 -18.67
C SER A 270 15.18 3.66 -19.51
N ILE A 271 15.10 4.20 -20.71
CA ILE A 271 14.10 3.83 -21.75
C ILE A 271 14.61 2.71 -22.62
N SER A 272 15.83 2.23 -22.39
CA SER A 272 16.46 1.14 -23.18
C SER A 272 17.05 0.00 -22.34
N GLU A 273 17.66 0.22 -21.18
CA GLU A 273 18.47 -0.79 -20.49
C GLU A 273 17.59 -1.54 -19.49
N THR A 274 17.97 -2.78 -19.25
CA THR A 274 17.37 -3.65 -18.24
C THR A 274 18.52 -4.33 -17.53
N GLY A 275 18.17 -4.93 -16.39
CA GLY A 275 19.14 -5.76 -15.69
C GLY A 275 18.40 -6.78 -14.83
N PRO A 276 19.16 -7.76 -14.30
CA PRO A 276 18.61 -8.78 -13.42
C PRO A 276 17.93 -8.17 -12.19
N GLU A 277 16.69 -8.61 -11.99
CA GLU A 277 15.84 -8.13 -10.90
C GLU A 277 15.17 -9.34 -10.26
N GLY A 278 15.10 -9.29 -8.93
CA GLY A 278 14.47 -10.33 -8.14
C GLY A 278 15.33 -11.57 -8.09
N PRO A 279 14.82 -12.66 -7.48
CA PRO A 279 13.53 -12.71 -6.88
C PRO A 279 13.47 -11.89 -5.57
N PHE A 280 12.23 -11.71 -5.09
CA PHE A 280 11.96 -10.96 -3.86
C PHE A 280 10.82 -11.61 -3.09
N GLY A 281 11.02 -11.74 -1.79
CA GLY A 281 9.93 -12.11 -0.89
C GLY A 281 8.83 -11.11 -0.92
N GLU A 282 7.66 -11.46 -1.44
CA GLU A 282 6.65 -10.48 -1.85
C GLU A 282 5.36 -10.57 -1.03
N MET A 283 4.44 -9.67 -1.33
CA MET A 283 3.24 -9.39 -0.51
C MET A 283 2.35 -10.63 -0.27
N HIS A 284 2.35 -11.59 -1.18
CA HIS A 284 1.46 -12.74 -1.01
C HIS A 284 2.11 -13.76 -0.07
N GLY A 285 3.34 -13.57 0.31
CA GLY A 285 4.02 -14.51 1.22
C GLY A 285 4.99 -15.48 0.62
N TYR A 286 5.52 -15.21 -0.57
CA TYR A 286 6.34 -16.17 -1.32
C TYR A 286 7.61 -15.55 -1.89
N ILE A 287 8.61 -16.36 -2.03
CA ILE A 287 9.75 -16.17 -2.94
C ILE A 287 10.03 -17.44 -3.71
N PHE A 288 10.28 -17.30 -5.00
CA PHE A 288 10.70 -18.42 -5.87
C PHE A 288 12.19 -18.28 -6.12
N PRO A 289 13.04 -19.00 -5.34
CA PRO A 289 14.46 -18.75 -5.38
C PRO A 289 15.01 -18.94 -6.81
N GLY A 290 16.05 -18.21 -7.18
CA GLY A 290 16.53 -18.29 -8.60
C GLY A 290 15.56 -17.86 -9.72
N ASP A 291 14.24 -17.70 -9.50
CA ASP A 291 13.36 -16.92 -10.40
C ASP A 291 13.89 -15.52 -10.72
N THR A 292 15.04 -15.39 -11.37
CA THR A 292 15.46 -13.99 -11.83
C THR A 292 14.94 -13.66 -13.26
N HIS A 293 14.31 -12.50 -13.36
CA HIS A 293 13.75 -11.86 -14.56
C HIS A 293 14.62 -10.65 -14.86
N LEU A 294 14.33 -9.95 -15.93
CA LEU A 294 14.97 -8.65 -16.23
C LEU A 294 14.03 -7.58 -15.71
N GLY A 295 14.61 -6.53 -15.12
CA GLY A 295 13.81 -5.40 -14.65
C GLY A 295 14.28 -4.12 -15.28
N ALA A 296 13.52 -3.06 -15.07
CA ALA A 296 13.93 -1.69 -15.41
C ALA A 296 15.26 -1.36 -14.71
N LYS A 297 16.06 -0.51 -15.33
CA LYS A 297 17.37 -0.13 -14.78
C LYS A 297 17.39 1.38 -14.53
N TYR A 298 17.76 1.73 -13.30
CA TYR A 298 17.85 3.14 -12.83
C TYR A 298 19.34 3.47 -12.68
N LYS A 299 19.72 4.68 -13.12
CA LYS A 299 21.08 5.20 -12.89
C LYS A 299 20.98 6.27 -11.82
N VAL A 300 21.86 6.16 -10.83
CA VAL A 300 21.88 7.15 -9.72
C VAL A 300 23.07 8.08 -9.95
N ASN A 301 22.82 9.38 -10.02
CA ASN A 301 23.85 10.42 -10.29
C ASN A 301 24.23 11.16 -9.00
N ARG A 302 23.36 11.19 -7.98
CA ARG A 302 23.60 11.99 -6.78
C ARG A 302 22.74 11.40 -5.64
N ILE A 303 23.24 11.53 -4.43
CA ILE A 303 22.48 11.24 -3.18
C ILE A 303 22.53 12.48 -2.32
N THR A 304 21.37 12.93 -1.86
CA THR A 304 21.33 13.96 -0.80
C THR A 304 20.59 13.35 0.38
N TYR A 305 20.89 13.84 1.57
CA TYR A 305 20.27 13.23 2.76
C TYR A 305 20.36 14.13 3.97
N ARG A 306 19.43 13.88 4.87
CA ARG A 306 19.41 14.48 6.22
C ARG A 306 20.56 13.99 7.08
N ASN A 307 21.07 14.84 7.94
CA ASN A 307 21.90 14.37 9.07
C ASN A 307 21.11 13.23 9.77
N ASN A 308 21.80 12.15 10.08
CA ASN A 308 21.24 11.01 10.84
C ASN A 308 20.05 10.42 10.11
N ALA A 309 20.16 10.38 8.78
CA ALA A 309 19.09 9.88 7.90
C ALA A 309 18.55 8.52 8.33
N ILE A 310 17.26 8.36 8.19
CA ILE A 310 16.49 7.11 8.50
C ILE A 310 15.85 6.60 7.20
N MET A 311 16.19 5.36 6.84
CA MET A 311 15.56 4.64 5.72
C MET A 311 14.40 3.83 6.24
N PRO A 312 13.17 4.07 5.78
CA PRO A 312 12.07 3.16 6.10
C PRO A 312 12.21 1.87 5.26
N MET A 313 11.78 0.76 5.86
CA MET A 313 11.88 -0.59 5.24
C MET A 313 10.64 -1.39 5.56
N SER A 314 10.03 -1.98 4.53
CA SER A 314 8.97 -3.01 4.68
C SER A 314 9.60 -4.39 4.55
N SER A 315 9.49 -5.21 5.58
CA SER A 315 9.97 -6.62 5.51
C SER A 315 8.75 -7.42 5.07
N CYS A 316 8.48 -7.46 3.78
N CYS A 316 8.51 -7.42 3.74
CA CYS A 316 7.12 -7.88 3.38
CA CYS A 316 7.25 -7.86 3.06
C CYS A 316 7.06 -9.39 3.18
C CYS A 316 7.09 -9.39 3.15
N GLY A 317 5.86 -9.88 3.30
CA GLY A 317 5.60 -11.31 3.14
C GLY A 317 4.27 -11.72 3.74
N ARG A 318 4.32 -12.72 4.61
CA ARG A 318 3.10 -13.14 5.28
C ARG A 318 2.57 -12.09 6.25
N LEU A 319 1.33 -12.24 6.61
CA LEU A 319 0.60 -11.21 7.40
C LEU A 319 1.39 -10.82 8.65
N THR A 320 1.35 -9.53 9.06
CA THR A 320 0.74 -8.39 8.40
C THR A 320 1.72 -7.24 8.26
N ASP A 321 1.88 -6.73 7.03
CA ASP A 321 2.81 -5.62 6.81
C ASP A 321 2.14 -4.60 5.89
N GLU A 322 2.94 -3.62 5.47
CA GLU A 322 2.52 -2.47 4.66
C GLU A 322 1.96 -2.94 3.31
N THR A 323 2.39 -4.10 2.80
CA THR A 323 1.86 -4.58 1.52
C THR A 323 0.40 -5.00 1.70
N HIS A 324 -0.03 -5.25 2.93
CA HIS A 324 -1.42 -5.65 3.23
C HIS A 324 -2.21 -4.43 3.65
N THR A 325 -1.72 -3.76 4.68
CA THR A 325 -2.47 -2.65 5.31
C THR A 325 -2.63 -1.47 4.37
N MET A 326 -1.65 -1.24 3.50
CA MET A 326 -1.71 -0.08 2.56
C MET A 326 -2.10 -0.50 1.13
N ILE A 327 -1.46 -1.50 0.57
CA ILE A 327 -1.78 -1.90 -0.85
C ILE A 327 -3.25 -2.31 -0.86
N GLY A 328 -3.61 -3.26 -0.02
CA GLY A 328 -4.98 -3.80 -0.04
C GLY A 328 -6.01 -2.75 0.26
N SER A 329 -5.82 -2.07 1.40
CA SER A 329 -6.85 -1.16 1.90
C SER A 329 -7.01 0.01 0.93
N LEU A 330 -5.91 0.54 0.42
CA LEU A 330 -6.00 1.75 -0.45
C LEU A 330 -6.55 1.36 -1.82
N ALA A 331 -6.28 0.15 -2.33
CA ALA A 331 -6.96 -0.30 -3.58
C ALA A 331 -8.45 -0.40 -3.30
N ALA A 332 -8.81 -1.02 -2.16
CA ALA A 332 -10.22 -1.17 -1.83
C ALA A 332 -10.93 0.18 -1.75
N ALA A 333 -10.27 1.18 -1.17
CA ALA A 333 -10.90 2.52 -1.07
C ALA A 333 -11.15 3.05 -2.49
N GLU A 334 -10.15 2.92 -3.36
CA GLU A 334 -10.36 3.47 -4.74
C GLU A 334 -11.45 2.68 -5.48
N ILE A 335 -11.52 1.37 -5.26
CA ILE A 335 -12.60 0.55 -5.82
C ILE A 335 -13.97 0.99 -5.34
N ARG A 336 -14.11 1.29 -4.05
CA ARG A 336 -15.37 1.77 -3.50
C ARG A 336 -15.77 3.00 -4.31
N LYS A 337 -14.85 3.95 -4.42
CA LYS A 337 -15.18 5.23 -5.09
C LYS A 337 -15.54 4.97 -6.57
N LEU A 338 -14.75 4.16 -7.23
CA LEU A 338 -14.98 3.79 -8.65
C LEU A 338 -16.34 3.18 -8.84
N CYS A 339 -16.76 2.29 -7.94
CA CYS A 339 -18.10 1.71 -8.04
C CYS A 339 -19.14 2.80 -7.92
N GLN A 340 -19.01 3.68 -6.94
CA GLN A 340 -20.04 4.75 -6.70
C GLN A 340 -20.11 5.68 -7.92
N GLN A 341 -18.98 5.98 -8.53
CA GLN A 341 -18.93 6.86 -9.71
C GLN A 341 -19.61 6.21 -10.92
N ASN A 342 -19.68 4.88 -10.90
CA ASN A 342 -20.34 4.08 -11.95
C ASN A 342 -21.77 3.72 -11.54
N ASP A 343 -22.33 4.46 -10.59
CA ASP A 343 -23.73 4.34 -10.12
C ASP A 343 -23.97 2.92 -9.55
N LEU A 344 -22.96 2.24 -8.98
CA LEU A 344 -23.18 0.97 -8.30
C LEU A 344 -23.38 1.27 -6.81
N PRO A 345 -24.36 0.60 -6.20
CA PRO A 345 -24.76 0.90 -4.81
C PRO A 345 -23.85 0.28 -3.75
N ILE A 346 -22.57 0.66 -3.83
CA ILE A 346 -21.54 0.17 -2.93
C ILE A 346 -21.30 1.20 -1.83
N THR A 347 -21.30 0.80 -0.58
CA THR A 347 -21.12 1.71 0.57
C THR A 347 -19.71 1.63 1.11
N ASP A 348 -19.10 0.47 1.04
CA ASP A 348 -17.82 0.18 1.71
C ASP A 348 -17.10 -0.91 0.96
N ALA A 349 -15.77 -0.83 0.99
CA ALA A 349 -14.92 -1.88 0.43
C ALA A 349 -13.71 -2.10 1.32
N PHE A 350 -13.27 -3.35 1.43
CA PHE A 350 -12.05 -3.67 2.17
C PHE A 350 -11.46 -4.93 1.60
N ALA A 351 -10.15 -5.05 1.57
CA ALA A 351 -9.44 -6.27 1.14
C ALA A 351 -9.12 -7.13 2.36
N PRO A 352 -9.86 -8.22 2.59
CA PRO A 352 -9.65 -8.97 3.83
C PRO A 352 -8.22 -9.47 3.94
N PHE A 353 -7.61 -9.29 5.11
CA PHE A 353 -6.23 -9.77 5.29
C PHE A 353 -6.18 -11.30 5.10
N GLU A 354 -7.22 -11.99 5.53
CA GLU A 354 -7.29 -13.46 5.42
C GLU A 354 -7.16 -13.93 3.96
N SER A 355 -7.58 -13.10 3.00
CA SER A 355 -7.44 -13.39 1.55
C SER A 355 -6.05 -13.02 1.02
N GLN A 356 -5.11 -12.66 1.92
CA GLN A 356 -3.78 -12.15 1.51
C GLN A 356 -3.99 -10.92 0.60
N VAL A 357 -5.00 -10.16 0.90
CA VAL A 357 -5.43 -8.94 0.15
C VAL A 357 -5.60 -9.19 -1.36
N THR A 358 -6.02 -10.40 -1.71
CA THR A 358 -6.36 -10.71 -3.09
C THR A 358 -7.87 -10.63 -3.31
N TRP A 359 -8.69 -10.52 -2.27
CA TRP A 359 -10.14 -10.32 -2.39
C TRP A 359 -10.44 -8.88 -2.00
N VAL A 360 -11.51 -8.34 -2.54
CA VAL A 360 -12.17 -7.16 -1.96
C VAL A 360 -13.63 -7.50 -1.71
N ALA A 361 -14.06 -7.21 -0.50
CA ALA A 361 -15.45 -7.35 -0.10
C ALA A 361 -16.16 -6.02 -0.32
N LEU A 362 -17.26 -6.05 -1.04
CA LEU A 362 -18.03 -4.86 -1.39
C LEU A 362 -19.38 -4.91 -0.69
N ARG A 363 -19.60 -3.99 0.23
CA ARG A 363 -20.88 -3.88 0.95
C ARG A 363 -21.89 -3.14 0.10
N VAL A 364 -23.02 -3.75 -0.13
CA VAL A 364 -24.10 -3.23 -0.99
C VAL A 364 -25.21 -2.62 -0.16
N ASP A 365 -25.62 -1.45 -0.57
CA ASP A 365 -26.85 -0.83 -0.09
C ASP A 365 -28.01 -1.57 -0.76
N THR A 366 -28.63 -2.51 -0.06
CA THR A 366 -29.58 -3.42 -0.73
C THR A 366 -30.92 -2.69 -0.95
N GLU A 367 -31.24 -1.62 -0.23
CA GLU A 367 -32.45 -0.82 -0.60
C GLU A 367 -32.29 -0.28 -2.05
N LYS A 368 -31.12 0.25 -2.33
CA LYS A 368 -30.85 0.74 -3.69
C LYS A 368 -30.80 -0.44 -4.67
N LEU A 369 -30.20 -1.53 -4.25
CA LEU A 369 -30.13 -2.70 -5.13
C LEU A 369 -31.56 -3.10 -5.52
N ARG A 370 -32.47 -3.18 -4.56
CA ARG A 370 -33.84 -3.62 -4.84
C ARG A 370 -34.47 -2.69 -5.88
N ALA A 371 -34.20 -1.38 -5.78
CA ALA A 371 -34.78 -0.39 -6.72
C ALA A 371 -34.22 -0.61 -8.14
N MET A 372 -33.07 -1.26 -8.29
CA MET A 372 -32.48 -1.60 -9.60
C MET A 372 -33.24 -2.72 -10.31
N LYS A 373 -34.05 -3.51 -9.57
CA LYS A 373 -34.78 -4.62 -10.21
C LYS A 373 -33.90 -5.44 -11.14
N THR A 374 -32.81 -5.98 -10.60
CA THR A 374 -31.81 -6.75 -11.32
C THR A 374 -31.65 -8.14 -10.69
N THR A 375 -30.69 -8.87 -11.24
CA THR A 375 -30.42 -10.24 -10.84
C THR A 375 -28.97 -10.41 -10.49
N SER A 376 -28.64 -11.53 -9.83
CA SER A 376 -27.24 -11.80 -9.46
C SER A 376 -26.33 -11.81 -10.67
N GLU A 377 -26.69 -12.56 -11.71
N GLU A 377 -26.66 -12.57 -11.72
CA GLU A 377 -25.77 -12.69 -12.87
CA GLU A 377 -25.66 -12.68 -12.82
C GLU A 377 -25.50 -11.33 -13.49
C GLU A 377 -25.49 -11.34 -13.54
N GLY A 378 -26.55 -10.55 -13.66
CA GLY A 378 -26.44 -9.20 -14.27
C GLY A 378 -25.58 -8.28 -13.43
N PHE A 379 -25.84 -8.29 -12.14
CA PHE A 379 -25.17 -7.34 -11.23
C PHE A 379 -23.69 -7.76 -11.10
N ARG A 380 -23.43 -9.06 -10.92
CA ARG A 380 -22.05 -9.59 -10.87
C ARG A 380 -21.24 -9.14 -12.05
N LYS A 381 -21.85 -9.29 -13.22
N LYS A 381 -21.81 -9.31 -13.25
CA LYS A 381 -21.20 -8.97 -14.50
CA LYS A 381 -21.09 -8.94 -14.49
C LYS A 381 -20.87 -7.46 -14.57
C LYS A 381 -20.81 -7.43 -14.53
N ARG A 382 -21.78 -6.63 -14.09
CA ARG A 382 -21.63 -5.17 -14.17
C ARG A 382 -20.52 -4.74 -13.19
N VAL A 383 -20.57 -5.30 -11.97
CA VAL A 383 -19.53 -4.91 -10.97
C VAL A 383 -18.19 -5.37 -11.49
N GLY A 384 -18.09 -6.63 -11.97
CA GLY A 384 -16.77 -7.09 -12.42
C GLY A 384 -16.26 -6.30 -13.60
N ASP A 385 -17.11 -5.96 -14.55
CA ASP A 385 -16.66 -5.20 -15.75
C ASP A 385 -16.08 -3.83 -15.27
N VAL A 386 -16.76 -3.19 -14.34
CA VAL A 386 -16.30 -1.86 -13.79
C VAL A 386 -14.96 -2.06 -13.12
N VAL A 387 -14.90 -2.96 -12.18
CA VAL A 387 -13.66 -3.02 -11.35
C VAL A 387 -12.49 -3.70 -12.09
N PHE A 388 -12.74 -4.86 -12.73
CA PHE A 388 -11.60 -5.61 -13.30
C PHE A 388 -11.07 -5.03 -14.62
N ASN A 389 -11.78 -4.10 -15.21
CA ASN A 389 -11.23 -3.40 -16.40
C ASN A 389 -10.64 -2.05 -15.99
N HIS A 390 -10.50 -1.79 -14.70
CA HIS A 390 -9.83 -0.55 -14.23
C HIS A 390 -8.56 -0.89 -13.47
N LYS A 391 -7.63 0.07 -13.48
CA LYS A 391 -6.32 -0.09 -12.81
C LYS A 391 -6.51 -0.34 -11.29
N ALA A 392 -7.53 0.27 -10.68
CA ALA A 392 -7.76 0.16 -9.22
C ALA A 392 -8.04 -1.31 -8.90
N GLY A 393 -8.56 -2.07 -9.86
CA GLY A 393 -8.86 -3.51 -9.60
C GLY A 393 -7.73 -4.44 -9.89
N TYR A 394 -6.57 -3.96 -10.33
CA TYR A 394 -5.46 -4.78 -10.82
C TYR A 394 -5.07 -5.91 -9.87
N THR A 395 -4.77 -5.59 -8.63
CA THR A 395 -4.20 -6.55 -7.64
C THR A 395 -5.30 -7.52 -7.13
N ILE A 396 -6.57 -7.25 -7.41
CA ILE A 396 -7.72 -7.94 -6.79
C ILE A 396 -8.24 -8.99 -7.76
N HIS A 397 -8.24 -10.24 -7.31
CA HIS A 397 -8.72 -11.36 -8.16
C HIS A 397 -10.07 -11.90 -7.79
N ARG A 398 -10.56 -11.62 -6.59
N ARG A 398 -10.57 -11.59 -6.59
CA ARG A 398 -11.93 -12.01 -6.23
CA ARG A 398 -11.93 -12.04 -6.20
C ARG A 398 -12.65 -10.82 -5.60
C ARG A 398 -12.69 -10.90 -5.55
N LEU A 399 -13.83 -10.54 -6.10
CA LEU A 399 -14.75 -9.60 -5.47
C LEU A 399 -15.87 -10.35 -4.77
N VAL A 400 -16.17 -10.01 -3.55
CA VAL A 400 -17.26 -10.65 -2.77
C VAL A 400 -18.32 -9.64 -2.49
N LEU A 401 -19.51 -9.81 -3.06
CA LEU A 401 -20.65 -8.88 -2.87
C LEU A 401 -21.40 -9.34 -1.62
N VAL A 402 -21.61 -8.45 -0.65
CA VAL A 402 -22.32 -8.76 0.59
C VAL A 402 -23.33 -7.68 0.86
N GLY A 403 -24.41 -8.06 1.53
CA GLY A 403 -25.46 -7.15 1.97
C GLY A 403 -25.10 -6.31 3.21
N ASP A 404 -26.09 -5.51 3.62
CA ASP A 404 -25.99 -4.41 4.62
C ASP A 404 -25.58 -4.94 5.97
N ASP A 405 -25.88 -6.20 6.29
CA ASP A 405 -25.60 -6.75 7.64
C ASP A 405 -24.11 -7.04 7.83
N ILE A 406 -23.28 -7.10 6.81
CA ILE A 406 -21.86 -7.49 6.91
C ILE A 406 -21.00 -6.23 7.02
N ASP A 407 -20.12 -6.26 8.01
CA ASP A 407 -19.02 -5.31 8.17
C ASP A 407 -17.83 -5.85 7.40
N VAL A 408 -17.56 -5.23 6.25
CA VAL A 408 -16.49 -5.70 5.35
C VAL A 408 -15.12 -5.50 5.99
N TYR A 409 -15.03 -4.69 7.05
CA TYR A 409 -13.74 -4.43 7.73
C TYR A 409 -13.48 -5.58 8.70
N GLU A 410 -14.43 -6.53 8.84
CA GLU A 410 -14.30 -7.70 9.80
C GLU A 410 -14.15 -8.94 8.94
N GLY A 411 -12.93 -9.43 8.80
CA GLY A 411 -12.63 -10.59 7.96
C GLY A 411 -13.49 -11.79 8.35
N LYS A 412 -13.76 -11.98 9.65
CA LYS A 412 -14.55 -13.15 10.11
C LYS A 412 -15.93 -13.11 9.44
N ASP A 413 -16.49 -11.91 9.32
CA ASP A 413 -17.88 -11.73 8.85
C ASP A 413 -17.92 -11.85 7.33
N VAL A 414 -16.87 -11.40 6.68
CA VAL A 414 -16.75 -11.60 5.22
C VAL A 414 -16.68 -13.12 4.94
N LEU A 415 -15.83 -13.83 5.67
N LEU A 415 -15.83 -13.82 5.66
CA LEU A 415 -15.62 -15.27 5.40
CA LEU A 415 -15.63 -15.26 5.39
C LEU A 415 -16.92 -16.02 5.66
C LEU A 415 -16.92 -16.02 5.66
N TRP A 416 -17.64 -15.64 6.71
CA TRP A 416 -18.94 -16.23 7.04
C TRP A 416 -19.95 -16.03 5.90
N ALA A 417 -20.06 -14.80 5.42
CA ALA A 417 -20.98 -14.47 4.33
C ALA A 417 -20.57 -15.22 3.03
N PHE A 418 -19.29 -15.18 2.68
CA PHE A 418 -18.75 -15.80 1.47
C PHE A 418 -19.08 -17.31 1.49
N SER A 419 -18.80 -17.93 2.65
N SER A 419 -18.80 -17.97 2.63
CA SER A 419 -18.89 -19.38 2.85
CA SER A 419 -18.90 -19.43 2.74
C SER A 419 -20.34 -19.89 2.87
C SER A 419 -20.36 -19.91 2.86
N THR A 420 -21.31 -19.05 3.24
CA THR A 420 -22.68 -19.47 3.47
C THR A 420 -23.68 -18.90 2.47
N ARG A 421 -23.35 -17.83 1.72
CA ARG A 421 -24.35 -17.16 0.88
C ARG A 421 -23.99 -17.19 -0.62
N CYS A 422 -22.79 -17.62 -0.96
CA CYS A 422 -22.34 -17.70 -2.36
C CYS A 422 -22.17 -19.16 -2.76
N ARG A 423 -23.10 -19.66 -3.56
CA ARG A 423 -23.01 -21.03 -4.14
C ARG A 423 -21.89 -21.10 -5.14
N PRO A 424 -20.87 -21.94 -4.92
CA PRO A 424 -19.78 -22.07 -5.88
C PRO A 424 -20.31 -22.30 -7.29
N GLY A 425 -19.70 -21.62 -8.26
CA GLY A 425 -20.08 -21.72 -9.68
C GLY A 425 -21.29 -20.90 -10.02
N MET A 426 -22.45 -21.35 -9.64
CA MET A 426 -23.74 -20.71 -9.99
C MET A 426 -23.82 -19.22 -9.59
N ASP A 427 -23.33 -18.88 -8.39
CA ASP A 427 -23.39 -17.48 -7.87
C ASP A 427 -22.10 -16.72 -8.19
N GLU A 428 -21.29 -17.20 -9.12
CA GLU A 428 -20.01 -16.58 -9.48
C GLU A 428 -19.93 -16.30 -10.99
N THR A 429 -19.17 -15.30 -11.34
CA THR A 429 -18.82 -15.07 -12.77
C THR A 429 -17.32 -14.95 -12.88
N LEU A 430 -16.69 -15.78 -13.72
CA LEU A 430 -15.27 -15.76 -13.98
C LEU A 430 -14.98 -14.74 -15.07
N PHE A 431 -13.82 -14.12 -14.98
CA PHE A 431 -13.30 -13.11 -15.91
C PHE A 431 -11.93 -13.53 -16.39
N GLU A 432 -11.89 -14.07 -17.61
CA GLU A 432 -10.64 -14.56 -18.18
C GLU A 432 -9.99 -13.55 -19.12
N ASP A 433 -10.66 -12.46 -19.52
CA ASP A 433 -10.14 -11.51 -20.56
C ASP A 433 -9.89 -10.16 -19.85
N VAL A 434 -9.34 -10.19 -18.66
CA VAL A 434 -8.98 -8.96 -17.93
C VAL A 434 -7.53 -9.13 -17.54
N ARG A 435 -6.88 -8.03 -17.23
CA ARG A 435 -5.49 -8.07 -16.78
C ARG A 435 -5.43 -8.78 -15.42
N GLY A 436 -4.49 -9.70 -15.28
CA GLY A 436 -4.27 -10.42 -14.02
C GLY A 436 -2.99 -9.96 -13.36
N PHE A 437 -2.84 -10.24 -12.05
CA PHE A 437 -1.69 -9.77 -11.28
C PHE A 437 -0.69 -10.88 -11.17
N PRO A 438 0.46 -10.80 -11.86
CA PRO A 438 1.29 -11.98 -11.94
C PRO A 438 2.00 -12.35 -10.65
N LEU A 439 2.11 -11.41 -9.71
CA LEU A 439 2.82 -11.65 -8.43
C LEU A 439 2.06 -12.69 -7.60
N ILE A 440 0.77 -12.83 -7.81
CA ILE A 440 0.02 -13.89 -7.09
C ILE A 440 0.55 -15.21 -7.60
N PRO A 441 1.02 -16.11 -6.70
CA PRO A 441 1.63 -17.35 -7.19
C PRO A 441 0.80 -18.14 -8.22
N TYR A 442 -0.51 -18.25 -8.03
CA TYR A 442 -1.37 -19.03 -8.97
C TYR A 442 -1.45 -18.37 -10.35
N MET A 443 -0.94 -17.14 -10.48
CA MET A 443 -0.85 -16.42 -11.76
C MET A 443 0.54 -16.63 -12.32
N GLY A 444 1.55 -15.92 -11.79
CA GLY A 444 2.87 -15.97 -12.44
C GLY A 444 3.58 -17.30 -12.39
N HIS A 445 3.31 -18.10 -11.35
CA HIS A 445 3.88 -19.45 -11.19
C HIS A 445 2.78 -20.52 -11.27
N GLY A 446 1.65 -20.23 -11.96
CA GLY A 446 0.51 -21.15 -11.97
C GLY A 446 0.38 -21.91 -13.28
N ASN A 447 -0.82 -22.34 -13.56
CA ASN A 447 -1.18 -23.24 -14.64
C ASN A 447 -1.63 -22.49 -15.88
N GLY A 448 -1.91 -21.20 -15.74
CA GLY A 448 -2.51 -20.40 -16.80
C GLY A 448 -1.65 -19.19 -17.18
N PRO A 449 -2.17 -18.36 -18.09
CA PRO A 449 -1.48 -17.13 -18.45
C PRO A 449 -1.12 -16.27 -17.24
N ALA A 450 0.13 -15.83 -17.15
CA ALA A 450 0.63 -15.11 -15.96
C ALA A 450 -0.10 -13.75 -15.81
N HIS A 451 -0.47 -13.12 -16.94
CA HIS A 451 -0.90 -11.70 -16.98
C HIS A 451 -2.37 -11.56 -17.30
N ARG A 452 -3.12 -12.66 -17.43
CA ARG A 452 -4.50 -12.52 -17.93
C ARG A 452 -5.42 -13.48 -17.19
N GLY A 453 -6.59 -12.99 -16.81
CA GLY A 453 -7.72 -13.77 -16.29
C GLY A 453 -7.44 -14.22 -14.85
N GLY A 454 -8.11 -15.29 -14.46
CA GLY A 454 -8.12 -15.80 -13.08
C GLY A 454 -8.83 -14.90 -12.10
N LYS A 455 -9.85 -14.15 -12.52
CA LYS A 455 -10.66 -13.28 -11.65
C LYS A 455 -12.07 -13.76 -11.57
N VAL A 456 -12.73 -13.39 -10.47
CA VAL A 456 -14.08 -13.90 -10.21
C VAL A 456 -14.83 -12.87 -9.40
N VAL A 457 -16.11 -12.71 -9.72
CA VAL A 457 -17.05 -12.03 -8.85
C VAL A 457 -17.89 -13.09 -8.15
N SER A 458 -17.80 -13.14 -6.85
CA SER A 458 -18.56 -14.08 -6.00
C SER A 458 -19.71 -13.34 -5.32
N ASP A 459 -20.93 -13.66 -5.68
CA ASP A 459 -22.12 -12.98 -5.13
C ASP A 459 -22.57 -13.66 -3.84
N ALA A 460 -22.33 -13.03 -2.71
CA ALA A 460 -22.79 -13.46 -1.40
C ALA A 460 -24.04 -12.66 -0.97
N LEU A 461 -24.73 -12.03 -1.90
CA LEU A 461 -26.07 -11.53 -1.68
C LEU A 461 -27.04 -12.72 -1.83
N MET A 462 -27.97 -12.79 -0.93
CA MET A 462 -29.02 -13.81 -0.96
C MET A 462 -30.14 -13.37 -1.92
N PRO A 463 -30.95 -14.36 -2.39
CA PRO A 463 -31.89 -14.02 -3.44
C PRO A 463 -32.86 -12.89 -3.10
N THR A 464 -33.40 -12.89 -1.89
CA THR A 464 -34.40 -11.88 -1.56
C THR A 464 -33.76 -10.51 -1.37
N GLU A 465 -32.43 -10.42 -1.29
CA GLU A 465 -31.80 -9.08 -1.14
C GLU A 465 -32.06 -8.27 -2.42
N TYR A 466 -32.29 -8.92 -3.56
CA TYR A 466 -32.52 -8.26 -4.87
C TYR A 466 -34.00 -7.90 -5.00
N THR A 467 -34.88 -8.51 -4.19
CA THR A 467 -36.35 -8.38 -4.41
C THR A 467 -37.03 -7.64 -3.25
N THR A 468 -37.32 -8.35 -2.18
CA THR A 468 -38.21 -7.92 -1.09
C THR A 468 -37.45 -7.59 0.19
N GLY A 469 -36.23 -8.05 0.36
CA GLY A 469 -35.50 -7.76 1.60
C GLY A 469 -34.95 -9.01 2.26
N ARG A 470 -33.90 -8.85 3.05
CA ARG A 470 -33.35 -9.95 3.87
C ARG A 470 -34.46 -10.77 4.53
N ASN A 471 -34.36 -12.10 4.51
CA ASN A 471 -35.48 -12.96 4.97
C ASN A 471 -34.99 -13.93 6.05
N TRP A 472 -33.84 -13.63 6.62
CA TRP A 472 -33.28 -14.39 7.73
C TRP A 472 -32.93 -13.47 8.89
N GLU A 473 -32.72 -14.10 10.05
CA GLU A 473 -32.07 -13.53 11.24
C GLU A 473 -30.83 -14.40 11.47
N ALA A 474 -29.73 -13.85 11.92
CA ALA A 474 -28.56 -14.66 12.30
C ALA A 474 -28.93 -15.45 13.55
N ALA A 475 -28.40 -16.68 13.60
CA ALA A 475 -28.38 -17.51 14.82
C ALA A 475 -27.15 -17.14 15.63
N ASP A 476 -27.17 -15.91 16.15
CA ASP A 476 -26.06 -15.42 16.99
C ASP A 476 -26.68 -14.73 18.20
N PHE A 477 -25.83 -14.35 19.16
CA PHE A 477 -26.36 -13.72 20.39
C PHE A 477 -27.08 -12.43 20.01
N ASN A 478 -26.48 -11.66 19.10
CA ASN A 478 -27.03 -10.35 18.73
C ASN A 478 -28.47 -10.45 18.17
N GLN A 479 -28.71 -11.40 17.25
CA GLN A 479 -29.96 -11.39 16.48
C GLN A 479 -31.00 -12.41 16.93
N SER A 480 -30.62 -13.40 17.72
N SER A 480 -30.64 -13.47 17.68
CA SER A 480 -31.54 -14.53 18.01
CA SER A 480 -31.64 -14.52 18.02
C SER A 480 -32.12 -14.38 19.41
C SER A 480 -32.24 -14.32 19.40
N TYR A 481 -31.91 -13.23 20.09
CA TYR A 481 -32.45 -12.96 21.44
C TYR A 481 -32.95 -11.53 21.52
N PRO A 482 -34.05 -11.26 22.25
CA PRO A 482 -34.55 -9.90 22.37
C PRO A 482 -33.62 -9.03 23.21
N GLU A 483 -33.72 -7.72 23.00
CA GLU A 483 -32.79 -6.75 23.62
C GLU A 483 -32.76 -6.90 25.12
N ASP A 484 -33.93 -7.01 25.73
N ASP A 484 -33.91 -6.96 25.76
CA ASP A 484 -34.05 -6.99 27.23
CA ASP A 484 -33.97 -6.94 27.26
C ASP A 484 -33.32 -8.20 27.80
C ASP A 484 -33.24 -8.19 27.78
N LEU A 485 -33.43 -9.34 27.09
CA LEU A 485 -32.75 -10.56 27.51
C LEU A 485 -31.23 -10.45 27.35
N LYS A 486 -30.81 -9.96 26.20
CA LYS A 486 -29.37 -9.80 25.95
C LYS A 486 -28.77 -8.94 27.06
N GLN A 487 -29.43 -7.85 27.39
CA GLN A 487 -28.84 -6.90 28.39
C GLN A 487 -28.80 -7.58 29.76
N LYS A 488 -29.82 -8.35 30.11
CA LYS A 488 -29.85 -9.09 31.39
C LYS A 488 -28.67 -10.05 31.46
N VAL A 489 -28.50 -10.78 30.38
CA VAL A 489 -27.40 -11.74 30.34
C VAL A 489 -26.06 -11.02 30.54
N LEU A 490 -25.86 -9.92 29.80
CA LEU A 490 -24.59 -9.18 29.92
C LEU A 490 -24.47 -8.62 31.35
N ASP A 491 -25.54 -8.08 31.91
CA ASP A 491 -25.48 -7.43 33.24
C ASP A 491 -25.19 -8.47 34.33
N ASN A 492 -25.61 -9.73 34.10
CA ASN A 492 -25.45 -10.78 35.15
C ASN A 492 -24.24 -11.69 34.85
N TRP A 493 -23.48 -11.42 33.79
CA TRP A 493 -22.43 -12.34 33.29
C TRP A 493 -21.40 -12.64 34.38
N THR A 494 -20.78 -11.63 35.02
CA THR A 494 -19.71 -11.95 36.00
C THR A 494 -20.36 -12.53 37.27
N LYS A 495 -21.65 -12.19 37.58
CA LYS A 495 -22.35 -12.64 38.82
C LYS A 495 -22.55 -14.13 38.69
N MET A 496 -22.94 -14.57 37.49
CA MET A 496 -23.22 -15.99 37.27
C MET A 496 -21.93 -16.79 37.40
N GLY A 497 -20.74 -16.20 37.08
CA GLY A 497 -19.38 -16.87 37.18
C GLY A 497 -18.49 -16.80 35.92
N PHE A 498 -18.94 -16.08 34.84
CA PHE A 498 -18.21 -16.11 33.54
C PHE A 498 -17.14 -15.03 33.50
N SER A 499 -16.31 -14.94 32.41
CA SER A 499 -15.00 -14.16 32.33
C SER A 499 -15.15 -12.92 31.43
MN MN B . -0.43 7.88 -9.68
K K C . 0.04 6.65 -6.28
K K D . -25.72 -15.70 -3.62
N1 FMN E . 3.67 -1.44 -6.78
C2 FMN E . 4.43 -1.93 -7.77
O2 FMN E . 4.14 -1.68 -8.98
N3 FMN E . 5.59 -2.57 -7.57
C4 FMN E . 6.07 -2.89 -6.34
O4 FMN E . 7.16 -3.48 -6.22
C4A FMN E . 5.32 -2.39 -5.22
N5 FMN E . 5.77 -2.57 -3.96
C5A FMN E . 5.09 -1.94 -3.00
C6 FMN E . 5.52 -2.13 -1.67
C7 FMN E . 4.90 -1.52 -0.64
C7M FMN E . 5.47 -1.72 0.79
C8 FMN E . 3.69 -0.78 -0.81
C8M FMN E . 2.90 -0.16 0.37
C9 FMN E . 3.18 -0.59 -2.11
C9A FMN E . 3.88 -1.25 -3.18
N10 FMN E . 3.38 -1.23 -4.51
C10 FMN E . 4.13 -1.69 -5.53
C1' FMN E . 2.10 -0.68 -4.80
C2' FMN E . 1.88 0.65 -5.47
O2' FMN E . 2.45 1.60 -4.61
C3' FMN E . 0.44 0.96 -5.70
O3' FMN E . -0.09 0.01 -6.70
C4' FMN E . 0.24 2.41 -6.23
O4' FMN E . -1.11 2.54 -6.60
C5' FMN E . 1.18 2.77 -7.39
O5' FMN E . 1.05 4.18 -7.65
P FMN E . 0.33 4.66 -9.01
O1P FMN E . 1.01 3.88 -10.09
O2P FMN E . 0.71 6.15 -8.98
O3P FMN E . -1.15 4.49 -8.82
O2 FIV F . 6.78 -7.48 -5.50
C11 FIV F . 6.19 -6.70 -6.58
O1 FIV F . 7.21 -6.17 -8.09
C7 FIV F . 4.96 -6.12 -6.41
C8 FIV F . 4.37 -5.95 -5.11
C3 FIV F . 3.17 -5.34 -4.98
C5 FIV F . 4.34 -5.61 -7.45
C2 FIV F . 3.08 -4.99 -7.33
C6 FIV F . 2.44 -4.41 -8.42
C10 FIV F . 1.22 -3.73 -8.32
C9 FIV F . 0.59 -3.55 -7.08
C4 FIV F . 1.23 -4.06 -5.93
C1 FIV F . 2.50 -4.80 -6.03
#